data_5LFO
#
_entry.id   5LFO
#
_cell.length_a   122.292
_cell.length_b   122.292
_cell.length_c   54.862
_cell.angle_alpha   90.00
_cell.angle_beta   90.00
_cell.angle_gamma   120.00
#
_symmetry.space_group_name_H-M   'P 61'
#
loop_
_entity.id
_entity.type
_entity.pdbx_description
1 polymer 'Peroxisomal N(1)-acetyl-spermine/spermidine oxidase,Peroxisomal N(1)-acetyl-spermine/spermidine oxidase'
2 non-polymer 'FLAVIN-ADENINE DINUCLEOTIDE'
3 non-polymer N-[3-({4-[(3-aminopropyl)amino]butyl}amino)propyl]acetamide
4 non-polymer GLYCEROL
5 water water
#
_entity_poly.entity_id   1
_entity_poly.type   'polypeptide(L)'
_entity_poly.pdbx_seq_one_letter_code
;GGPGPRVLVVGSGIAGLGAAQKLCSHRAAPHLRVLEATASAGGRIRSERCFGGVVELGAHWIHGPSQDNPVFQLAAEFGL
LGEKELSEENQLVDTGGHVALPSMIWSSSGTSVSLELMTEMARLFYGLIERTREFLNESETPMASVGEFLKKEISQQVAS
WTEDDEDTRKRKLAILNTFFNIECCVSGTHSMDLVALAPFGEYTVLPGLDCILAGGYQGLTDRILASLPKDTVAFDKPVK
TIHWNGSFQEAAFPGETFPVLVECEDGARLPAHHVIVTVPLGFLKEHQDTFFEPPLPAKKAEAIKKLGFGTNNKIFLEFE
EPFWEPDCQFIQVVWEDTSPLQDTALSLQDTWFKKLIGFLVQPSFESSHVLCGFIAGLESEFMETLSDEEVLLSLTQVLR
RVTGNPQLPAAKSVRRSQWHSAPYTRGSYSYVAVGSTGDDLDLMAQPLPGLQVLFAGEATHRTFYSTTHGALLSGWREAD
RLVSLWDSQVEQSRPRL
;
_entity_poly.pdbx_strand_id   A
#
loop_
_chem_comp.id
_chem_comp.type
_chem_comp.name
_chem_comp.formula
FAD non-polymer 'FLAVIN-ADENINE DINUCLEOTIDE' 'C27 H33 N9 O15 P2'
GOL non-polymer GLYCEROL 'C3 H8 O3'
SP5 non-polymer N-[3-({4-[(3-aminopropyl)amino]butyl}amino)propyl]acetamide 'C12 H28 N4 O'
#
# COMPACT_ATOMS: atom_id res chain seq x y z
N GLY A 4 8.10 -9.31 33.63
CA GLY A 4 8.83 -8.74 32.50
C GLY A 4 8.43 -7.30 32.17
N PRO A 5 9.15 -6.61 31.26
CA PRO A 5 8.76 -5.22 30.91
C PRO A 5 7.40 -5.16 30.22
N ARG A 6 6.64 -4.08 30.43
CA ARG A 6 5.32 -3.96 29.82
C ARG A 6 5.44 -3.32 28.45
N VAL A 7 5.06 -4.07 27.41
CA VAL A 7 5.11 -3.60 26.04
C VAL A 7 3.69 -3.51 25.49
N LEU A 8 3.39 -2.38 24.84
CA LEU A 8 2.13 -2.20 24.11
C LEU A 8 2.44 -1.99 22.64
N VAL A 9 1.75 -2.71 21.75
CA VAL A 9 1.95 -2.57 20.31
C VAL A 9 0.71 -1.94 19.81
N VAL A 10 0.84 -0.85 19.10
CA VAL A 10 -0.35 -0.19 18.57
C VAL A 10 -0.54 -0.61 17.12
N GLY A 11 -1.63 -1.33 16.86
CA GLY A 11 -1.97 -1.81 15.52
C GLY A 11 -1.57 -3.25 15.26
N SER A 12 -2.52 -4.00 14.67
CA SER A 12 -2.41 -5.40 14.38
C SER A 12 -2.32 -5.70 12.89
N GLY A 13 -1.58 -4.88 12.14
CA GLY A 13 -1.24 -5.19 10.75
C GLY A 13 -0.05 -6.13 10.81
N ILE A 14 0.57 -6.42 9.68
CA ILE A 14 1.72 -7.34 9.64
C ILE A 14 2.93 -6.79 10.42
N ALA A 15 3.10 -5.44 10.51
CA ALA A 15 4.25 -4.91 11.30
C ALA A 15 4.04 -5.19 12.78
N GLY A 16 2.85 -4.88 13.29
CA GLY A 16 2.52 -5.09 14.70
C GLY A 16 2.51 -6.57 15.09
N LEU A 17 1.98 -7.40 14.18
CA LEU A 17 1.95 -8.85 14.37
C LEU A 17 3.34 -9.46 14.36
N GLY A 18 4.20 -9.03 13.41
CA GLY A 18 5.58 -9.48 13.34
C GLY A 18 6.36 -9.09 14.60
N ALA A 19 6.19 -7.82 15.07
CA ALA A 19 6.85 -7.38 16.30
C ALA A 19 6.38 -8.20 17.49
N ALA A 20 5.05 -8.38 17.61
CA ALA A 20 4.52 -9.15 18.76
C ALA A 20 4.99 -10.60 18.74
N GLN A 21 4.99 -11.23 17.56
CA GLN A 21 5.42 -12.61 17.43
C GLN A 21 6.88 -12.79 17.84
N LYS A 22 7.76 -11.93 17.35
CA LYS A 22 9.18 -12.05 17.68
C LYS A 22 9.40 -11.84 19.22
N LEU A 23 8.71 -10.89 19.82
CA LEU A 23 8.85 -10.63 21.26
C LEU A 23 8.26 -11.71 22.16
N CYS A 24 7.09 -12.26 21.77
CA CYS A 24 6.38 -13.28 22.55
C CYS A 24 7.01 -14.66 22.47
N SER A 25 7.77 -14.95 21.38
CA SER A 25 8.44 -16.23 21.14
C SER A 25 9.77 -16.33 21.92
N HIS A 26 10.21 -15.19 22.51
CA HIS A 26 11.41 -15.04 23.34
C HIS A 26 11.16 -15.83 24.63
N ARG A 27 12.12 -16.71 25.02
CA ARG A 27 12.03 -17.56 26.21
C ARG A 27 11.82 -16.77 27.53
N ALA A 28 12.29 -15.51 27.57
CA ALA A 28 12.09 -14.57 28.68
C ALA A 28 11.23 -13.43 28.10
N ALA A 29 9.95 -13.76 27.80
CA ALA A 29 8.98 -12.88 27.15
C ALA A 29 8.45 -11.72 28.03
N PRO A 30 8.23 -10.53 27.42
CA PRO A 30 7.66 -9.41 28.20
C PRO A 30 6.14 -9.59 28.37
N HIS A 31 5.53 -8.73 29.18
CA HIS A 31 4.08 -8.69 29.30
C HIS A 31 3.72 -7.88 28.06
N LEU A 32 2.96 -8.46 27.11
CA LEU A 32 2.69 -7.71 25.87
C LEU A 32 1.23 -7.74 25.47
N ARG A 33 0.73 -6.59 25.05
CA ARG A 33 -0.62 -6.46 24.53
C ARG A 33 -0.54 -5.75 23.20
N VAL A 34 -1.37 -6.17 22.26
CA VAL A 34 -1.51 -5.49 20.96
C VAL A 34 -2.88 -4.81 21.00
N LEU A 35 -2.89 -3.51 20.72
CA LEU A 35 -4.12 -2.70 20.74
C LEU A 35 -4.51 -2.39 19.30
N GLU A 36 -5.61 -2.97 18.84
CA GLU A 36 -6.06 -2.76 17.47
C GLU A 36 -7.35 -1.90 17.44
N ALA A 37 -7.35 -0.87 16.59
CA ALA A 37 -8.48 0.07 16.45
C ALA A 37 -9.76 -0.58 15.92
N THR A 38 -9.62 -1.42 14.90
CA THR A 38 -10.70 -2.10 14.21
C THR A 38 -11.06 -3.46 14.83
N ALA A 39 -12.04 -4.16 14.25
CA ALA A 39 -12.50 -5.45 14.76
C ALA A 39 -11.68 -6.66 14.29
N SER A 40 -10.67 -6.47 13.39
CA SER A 40 -9.96 -7.63 12.88
C SER A 40 -8.49 -7.30 12.69
N ALA A 41 -7.69 -8.34 12.53
CA ALA A 41 -6.25 -8.17 12.39
C ALA A 41 -5.92 -8.17 10.91
N GLY A 42 -4.74 -7.61 10.57
CA GLY A 42 -4.28 -7.64 9.20
C GLY A 42 -4.09 -6.27 8.57
N GLY A 43 -4.88 -5.30 9.02
CA GLY A 43 -4.81 -3.92 8.54
C GLY A 43 -5.02 -3.79 7.05
N ARG A 44 -3.93 -3.40 6.33
CA ARG A 44 -4.01 -3.27 4.86
C ARG A 44 -3.91 -4.62 4.11
N ILE A 45 -3.83 -5.73 4.84
CA ILE A 45 -3.98 -7.10 4.30
C ILE A 45 -5.41 -7.39 4.73
N ARG A 46 -6.33 -7.38 3.77
CA ARG A 46 -7.74 -7.49 4.13
C ARG A 46 -8.40 -8.30 3.03
N SER A 47 -8.61 -9.62 3.27
CA SER A 47 -9.22 -10.60 2.34
C SER A 47 -10.64 -10.88 2.79
N GLU A 48 -11.61 -10.84 1.86
CA GLU A 48 -13.03 -11.00 2.19
C GLU A 48 -13.74 -12.05 1.33
N ARG A 49 -14.76 -12.68 1.91
CA ARG A 49 -15.64 -13.64 1.23
C ARG A 49 -16.63 -12.81 0.44
N CYS A 50 -16.53 -12.86 -0.88
CA CYS A 50 -17.38 -12.04 -1.75
C CYS A 50 -17.58 -12.78 -3.06
N PHE A 51 -18.80 -12.71 -3.61
CA PHE A 51 -19.17 -13.37 -4.89
C PHE A 51 -18.87 -14.89 -4.91
N GLY A 52 -19.01 -15.54 -3.76
CA GLY A 52 -18.71 -16.97 -3.63
C GLY A 52 -17.23 -17.32 -3.57
N GLY A 53 -16.36 -16.29 -3.60
CA GLY A 53 -14.92 -16.45 -3.58
C GLY A 53 -14.25 -15.54 -2.57
N VAL A 54 -12.97 -15.26 -2.80
CA VAL A 54 -12.16 -14.40 -1.93
C VAL A 54 -11.67 -13.18 -2.71
N VAL A 55 -11.93 -11.99 -2.19
CA VAL A 55 -11.44 -10.75 -2.82
C VAL A 55 -10.49 -10.05 -1.86
N GLU A 56 -9.45 -9.45 -2.41
CA GLU A 56 -8.48 -8.76 -1.57
C GLU A 56 -8.67 -7.25 -1.67
N LEU A 57 -9.11 -6.61 -0.57
CA LEU A 57 -9.37 -5.18 -0.62
C LEU A 57 -8.06 -4.40 -0.50
N GLY A 58 -7.03 -5.02 0.09
CA GLY A 58 -5.75 -4.35 0.23
C GLY A 58 -4.67 -5.07 -0.55
N ALA A 59 -3.59 -5.49 0.15
CA ALA A 59 -2.47 -6.19 -0.48
C ALA A 59 -2.96 -7.40 -1.30
N HIS A 60 -2.43 -7.54 -2.51
N HIS A 60 -2.41 -7.62 -2.50
CA HIS A 60 -2.84 -8.53 -3.50
CA HIS A 60 -2.84 -8.77 -3.32
C HIS A 60 -1.76 -9.54 -3.87
C HIS A 60 -1.68 -9.66 -3.77
N TRP A 61 -0.52 -9.05 -4.04
CA TRP A 61 0.67 -9.79 -4.49
C TRP A 61 1.82 -9.82 -3.51
N ILE A 62 2.64 -10.87 -3.62
CA ILE A 62 3.95 -10.93 -3.01
C ILE A 62 4.76 -10.33 -4.14
N HIS A 63 5.32 -9.15 -3.89
CA HIS A 63 6.15 -8.46 -4.89
C HIS A 63 7.56 -9.01 -4.79
N GLY A 64 8.01 -9.73 -5.81
CA GLY A 64 9.34 -10.34 -5.76
C GLY A 64 9.33 -11.60 -4.89
N PRO A 65 8.52 -12.62 -5.26
CA PRO A 65 8.46 -13.85 -4.43
C PRO A 65 9.71 -14.71 -4.60
N SER A 66 10.76 -14.37 -3.88
CA SER A 66 12.04 -15.08 -3.92
C SER A 66 12.63 -15.25 -2.52
N GLN A 67 13.79 -15.91 -2.42
CA GLN A 67 14.49 -16.26 -1.18
C GLN A 67 14.63 -15.14 -0.12
N ASP A 68 14.95 -13.90 -0.57
CA ASP A 68 15.15 -12.80 0.38
C ASP A 68 13.86 -12.07 0.74
N ASN A 69 12.71 -12.55 0.24
CA ASN A 69 11.44 -11.94 0.60
C ASN A 69 10.88 -12.74 1.79
N PRO A 70 10.82 -12.13 3.00
CA PRO A 70 10.33 -12.88 4.17
C PRO A 70 8.85 -13.28 4.08
N VAL A 71 8.05 -12.51 3.32
CA VAL A 71 6.64 -12.86 3.10
C VAL A 71 6.53 -14.12 2.24
N PHE A 72 7.40 -14.24 1.22
CA PHE A 72 7.44 -15.43 0.38
C PHE A 72 7.86 -16.63 1.28
N GLN A 73 8.96 -16.46 2.07
CA GLN A 73 9.41 -17.51 3.00
C GLN A 73 8.26 -17.95 3.97
N LEU A 74 7.55 -17.00 4.60
CA LEU A 74 6.46 -17.39 5.51
C LEU A 74 5.35 -18.06 4.79
N ALA A 75 4.93 -17.48 3.63
CA ALA A 75 3.80 -18.11 2.91
C ALA A 75 4.14 -19.59 2.56
N ALA A 76 5.38 -19.88 2.16
CA ALA A 76 5.81 -21.27 1.84
C ALA A 76 5.77 -22.14 3.11
N GLU A 77 6.29 -21.62 4.26
CA GLU A 77 6.28 -22.35 5.53
C GLU A 77 4.83 -22.67 5.95
N PHE A 78 3.90 -21.75 5.67
CA PHE A 78 2.52 -21.89 6.08
C PHE A 78 1.63 -22.68 5.13
N GLY A 79 2.16 -23.06 3.98
CA GLY A 79 1.40 -23.79 2.95
C GLY A 79 0.38 -22.92 2.20
N LEU A 80 0.64 -21.60 2.13
CA LEU A 80 -0.29 -20.69 1.46
C LEU A 80 -0.06 -20.46 -0.04
N LEU A 81 0.98 -21.08 -0.61
CA LEU A 81 1.32 -20.91 -2.01
C LEU A 81 1.00 -22.14 -2.85
N GLY A 82 0.66 -21.92 -4.12
CA GLY A 82 0.43 -23.03 -5.05
C GLY A 82 1.76 -23.50 -5.61
N GLU A 83 1.73 -24.62 -6.35
CA GLU A 83 2.93 -25.21 -6.97
C GLU A 83 3.72 -24.26 -7.89
N LYS A 84 3.04 -23.52 -8.78
CA LYS A 84 3.73 -22.59 -9.68
C LYS A 84 4.51 -21.50 -8.93
N GLU A 85 3.89 -20.96 -7.89
CA GLU A 85 4.42 -19.87 -7.06
C GLU A 85 5.67 -20.32 -6.32
N LEU A 86 5.72 -21.61 -5.97
CA LEU A 86 6.86 -22.20 -5.26
C LEU A 86 8.03 -22.56 -6.18
N SER A 87 7.80 -22.68 -7.50
CA SER A 87 8.83 -23.13 -8.47
C SER A 87 10.04 -22.23 -8.58
N GLU A 88 11.21 -22.82 -8.90
CA GLU A 88 12.44 -22.05 -9.06
C GLU A 88 12.31 -21.12 -10.28
N GLU A 89 11.62 -21.57 -11.35
CA GLU A 89 11.37 -20.75 -12.54
C GLU A 89 10.67 -19.43 -12.13
N ASN A 90 9.58 -19.53 -11.32
CA ASN A 90 8.84 -18.35 -10.87
C ASN A 90 9.69 -17.42 -10.05
N GLN A 91 10.54 -17.97 -9.15
CA GLN A 91 11.44 -17.18 -8.29
C GLN A 91 12.53 -16.45 -9.05
N LEU A 92 12.86 -16.94 -10.25
CA LEU A 92 13.92 -16.36 -11.07
C LEU A 92 13.47 -15.23 -12.00
N VAL A 93 12.15 -15.19 -12.35
CA VAL A 93 11.58 -14.19 -13.30
C VAL A 93 11.93 -12.74 -12.91
N PRO A 102 -1.44 -11.39 -19.77
CA PRO A 102 -2.39 -11.57 -20.88
C PRO A 102 -3.49 -10.49 -20.87
N SER A 103 -3.35 -9.48 -21.75
CA SER A 103 -4.26 -8.35 -21.83
C SER A 103 -5.06 -8.21 -23.12
N MET A 104 -6.15 -7.43 -23.02
CA MET A 104 -7.01 -6.96 -24.09
C MET A 104 -7.00 -5.44 -23.87
N ILE A 105 -6.52 -4.67 -24.85
CA ILE A 105 -6.40 -3.21 -24.74
C ILE A 105 -7.50 -2.53 -25.53
N TRP A 106 -8.29 -1.70 -24.84
CA TRP A 106 -9.41 -0.99 -25.45
C TRP A 106 -9.24 0.49 -25.39
N SER A 107 -9.50 1.15 -26.51
CA SER A 107 -9.50 2.60 -26.60
C SER A 107 -10.89 3.05 -26.20
N SER A 108 -11.02 4.30 -25.72
CA SER A 108 -12.33 4.84 -25.34
C SER A 108 -13.22 5.07 -26.58
N SER A 109 -12.66 4.91 -27.81
CA SER A 109 -13.41 5.00 -29.08
C SER A 109 -14.08 3.66 -29.44
N GLY A 110 -13.96 2.68 -28.55
CA GLY A 110 -14.55 1.35 -28.72
C GLY A 110 -13.82 0.45 -29.69
N THR A 111 -12.53 0.74 -29.93
CA THR A 111 -11.69 -0.04 -30.83
C THR A 111 -10.45 -0.55 -30.11
N SER A 112 -9.90 -1.67 -30.60
CA SER A 112 -8.69 -2.27 -30.05
C SER A 112 -7.50 -1.36 -30.41
N VAL A 113 -6.45 -1.41 -29.58
CA VAL A 113 -5.22 -0.67 -29.78
C VAL A 113 -4.19 -1.66 -30.31
N SER A 114 -3.36 -1.25 -31.29
CA SER A 114 -2.29 -2.05 -31.88
C SER A 114 -1.31 -2.60 -30.82
N LEU A 115 -1.04 -3.93 -30.84
CA LEU A 115 -0.09 -4.54 -29.90
C LEU A 115 1.33 -3.99 -30.14
N GLU A 116 1.66 -3.77 -31.41
CA GLU A 116 2.97 -3.22 -31.75
C GLU A 116 3.14 -1.83 -31.17
N LEU A 117 2.11 -0.97 -31.34
CA LEU A 117 2.14 0.39 -30.80
C LEU A 117 2.23 0.39 -29.28
N MET A 118 1.45 -0.48 -28.64
CA MET A 118 1.46 -0.64 -27.20
C MET A 118 2.87 -1.03 -26.72
N THR A 119 3.55 -1.97 -27.44
CA THR A 119 4.90 -2.40 -27.08
C THR A 119 5.91 -1.25 -27.20
N GLU A 120 5.80 -0.48 -28.29
CA GLU A 120 6.63 0.66 -28.58
C GLU A 120 6.56 1.68 -27.44
N MET A 121 5.33 1.99 -26.98
CA MET A 121 5.15 2.98 -25.93
C MET A 121 5.57 2.46 -24.58
N ALA A 122 5.38 1.15 -24.33
CA ALA A 122 5.79 0.47 -23.08
C ALA A 122 7.32 0.51 -22.95
N ARG A 123 8.04 0.28 -24.05
CA ARG A 123 9.51 0.34 -24.10
C ARG A 123 9.96 1.77 -23.84
N LEU A 124 9.28 2.74 -24.44
CA LEU A 124 9.64 4.13 -24.21
C LEU A 124 9.43 4.47 -22.73
N PHE A 125 8.21 4.23 -22.22
CA PHE A 125 7.86 4.54 -20.85
C PHE A 125 8.74 3.79 -19.82
N TYR A 126 8.81 2.46 -19.87
CA TYR A 126 9.54 1.69 -18.85
C TYR A 126 11.05 1.78 -18.97
N GLY A 127 11.57 2.05 -20.17
CA GLY A 127 12.98 2.36 -20.34
C GLY A 127 13.29 3.66 -19.61
N LEU A 128 12.35 4.66 -19.68
CA LEU A 128 12.53 5.92 -18.98
C LEU A 128 12.43 5.70 -17.46
N ILE A 129 11.53 4.81 -17.01
CA ILE A 129 11.39 4.46 -15.58
C ILE A 129 12.72 3.89 -15.06
N GLU A 130 13.30 2.96 -15.83
CA GLU A 130 14.60 2.35 -15.51
C GLU A 130 15.70 3.39 -15.36
N ARG A 131 15.71 4.42 -16.20
CA ARG A 131 16.67 5.52 -16.11
C ARG A 131 16.55 6.34 -14.81
N THR A 132 15.30 6.62 -14.36
CA THR A 132 15.05 7.38 -13.12
C THR A 132 15.67 6.67 -11.93
N ARG A 133 15.49 5.31 -11.86
CA ARG A 133 15.99 4.44 -10.78
C ARG A 133 17.53 4.42 -10.64
N GLU A 134 18.24 5.22 -11.47
CA GLU A 134 19.70 5.27 -11.48
C GLU A 134 20.28 6.59 -10.92
N PHE A 135 19.43 7.58 -10.62
CA PHE A 135 19.84 8.90 -10.13
C PHE A 135 20.02 9.01 -8.60
N LEU A 136 20.58 7.96 -7.98
CA LEU A 136 20.89 7.90 -6.55
C LEU A 136 22.06 8.81 -6.19
N ALA A 144 14.28 16.60 -9.87
CA ALA A 144 13.11 17.15 -9.20
C ALA A 144 12.02 16.03 -8.98
N SER A 145 11.17 15.75 -9.99
CA SER A 145 10.20 14.65 -9.87
C SER A 145 10.37 13.59 -10.96
N VAL A 146 9.88 12.38 -10.71
CA VAL A 146 9.88 11.29 -11.68
C VAL A 146 9.04 11.76 -12.90
N GLY A 147 7.85 12.28 -12.62
CA GLY A 147 6.92 12.71 -13.66
C GLY A 147 7.53 13.76 -14.56
N GLU A 148 8.26 14.73 -13.98
CA GLU A 148 8.85 15.83 -14.77
C GLU A 148 9.96 15.32 -15.68
N PHE A 149 10.73 14.37 -15.18
CA PHE A 149 11.80 13.72 -15.95
C PHE A 149 11.17 12.96 -17.12
N LEU A 150 10.14 12.11 -16.84
CA LEU A 150 9.49 11.36 -17.91
C LEU A 150 8.91 12.27 -18.99
N LYS A 151 8.25 13.37 -18.60
CA LYS A 151 7.59 14.30 -19.51
C LYS A 151 8.61 15.06 -20.37
N LYS A 152 9.74 15.44 -19.77
CA LYS A 152 10.81 16.15 -20.52
C LYS A 152 11.37 15.23 -21.58
N GLU A 153 11.65 13.96 -21.22
CA GLU A 153 12.16 12.97 -22.16
C GLU A 153 11.13 12.60 -23.22
N ILE A 154 9.83 12.45 -22.82
CA ILE A 154 8.77 12.14 -23.81
C ILE A 154 8.61 13.28 -24.82
N SER A 155 8.57 14.55 -24.33
CA SER A 155 8.45 15.75 -25.17
C SER A 155 9.57 15.80 -26.21
N GLN A 156 10.83 15.48 -25.78
CA GLN A 156 12.00 15.43 -26.67
C GLN A 156 11.79 14.39 -27.77
N GLN A 157 11.26 13.20 -27.39
CA GLN A 157 10.97 12.12 -28.32
C GLN A 157 9.84 12.52 -29.29
N VAL A 158 8.83 13.27 -28.81
CA VAL A 158 7.69 13.74 -29.63
C VAL A 158 8.22 14.61 -30.79
N ALA A 159 9.19 15.50 -30.49
CA ALA A 159 9.86 16.40 -31.44
C ALA A 159 10.69 15.64 -32.52
N SER A 160 10.68 14.29 -32.46
CA SER A 160 11.35 13.39 -33.39
C SER A 160 10.35 12.48 -34.14
N TRP A 161 9.03 12.60 -33.84
CA TRP A 161 7.97 11.81 -34.48
C TRP A 161 7.49 12.51 -35.76
N THR A 162 8.44 12.77 -36.68
CA THR A 162 8.28 13.49 -37.95
C THR A 162 7.38 12.75 -38.96
N GLU A 163 7.54 11.42 -39.07
CA GLU A 163 6.78 10.55 -39.97
C GLU A 163 5.29 10.42 -39.62
N ASP A 164 4.96 10.40 -38.32
CA ASP A 164 3.58 10.21 -37.83
C ASP A 164 2.63 11.33 -38.20
N ASP A 165 1.39 10.97 -38.56
CA ASP A 165 0.32 11.92 -38.79
C ASP A 165 -0.18 12.35 -37.39
N GLU A 166 -0.94 13.46 -37.28
CA GLU A 166 -1.42 13.93 -35.96
C GLU A 166 -2.21 12.86 -35.18
N ASP A 167 -2.87 11.92 -35.90
CA ASP A 167 -3.63 10.83 -35.32
C ASP A 167 -2.74 9.82 -34.59
N THR A 168 -1.60 9.44 -35.20
CA THR A 168 -0.62 8.51 -34.62
C THR A 168 -0.01 9.11 -33.34
N ARG A 169 0.38 10.41 -33.38
CA ARG A 169 0.97 11.10 -32.22
C ARG A 169 -0.06 11.20 -31.09
N LYS A 170 -1.35 11.40 -31.44
CA LYS A 170 -2.45 11.47 -30.47
C LYS A 170 -2.65 10.13 -29.77
N ARG A 171 -2.62 9.00 -30.54
CA ARG A 171 -2.76 7.64 -30.05
C ARG A 171 -1.58 7.31 -29.11
N LYS A 172 -0.34 7.66 -29.54
CA LYS A 172 0.86 7.44 -28.73
C LYS A 172 0.78 8.17 -27.39
N LEU A 173 0.36 9.45 -27.37
CA LEU A 173 0.26 10.19 -26.10
C LEU A 173 -0.82 9.64 -25.16
N ALA A 174 -1.93 9.12 -25.75
CA ALA A 174 -3.07 8.54 -25.02
C ALA A 174 -2.64 7.24 -24.33
N ILE A 175 -1.90 6.41 -25.05
CA ILE A 175 -1.33 5.16 -24.52
C ILE A 175 -0.36 5.52 -23.38
N LEU A 176 0.55 6.48 -23.63
CA LEU A 176 1.49 6.91 -22.58
C LEU A 176 0.75 7.39 -21.33
N ASN A 177 -0.41 8.05 -21.49
CA ASN A 177 -1.16 8.54 -20.32
C ASN A 177 -1.65 7.39 -19.44
N THR A 178 -2.08 6.27 -20.03
CA THR A 178 -2.46 5.08 -19.22
C THR A 178 -1.24 4.53 -18.48
N PHE A 179 -0.02 4.52 -19.08
CA PHE A 179 1.16 4.04 -18.34
C PHE A 179 1.46 4.96 -17.13
N PHE A 180 1.23 6.29 -17.29
CA PHE A 180 1.43 7.20 -16.16
C PHE A 180 0.41 6.85 -15.07
N ASN A 181 -0.86 6.59 -15.46
CA ASN A 181 -1.88 6.22 -14.47
C ASN A 181 -1.58 4.88 -13.79
N ILE A 182 -1.03 3.89 -14.54
CA ILE A 182 -0.60 2.64 -13.92
C ILE A 182 0.51 2.92 -12.90
N GLU A 183 1.47 3.79 -13.27
CA GLU A 183 2.55 4.13 -12.34
C GLU A 183 2.03 4.82 -11.09
N CYS A 184 0.97 5.63 -11.22
CA CYS A 184 0.32 6.26 -10.05
C CYS A 184 -0.21 5.18 -9.13
N CYS A 185 -0.79 4.10 -9.67
CA CYS A 185 -1.21 2.96 -8.86
C CYS A 185 -0.03 2.31 -8.16
N VAL A 186 1.05 2.06 -8.89
CA VAL A 186 2.25 1.43 -8.35
C VAL A 186 2.85 2.24 -7.21
N SER A 187 3.00 3.55 -7.40
CA SER A 187 3.58 4.39 -6.36
C SER A 187 2.60 4.76 -5.26
N GLY A 188 1.31 4.66 -5.53
CA GLY A 188 0.28 5.07 -4.58
C GLY A 188 0.24 6.59 -4.48
N THR A 189 0.31 7.26 -5.62
CA THR A 189 0.32 8.73 -5.70
C THR A 189 -0.77 9.22 -6.63
N HIS A 190 -1.13 10.47 -6.45
CA HIS A 190 -2.07 11.10 -7.36
C HIS A 190 -1.38 11.35 -8.73
N SER A 191 -0.08 11.66 -8.69
CA SER A 191 0.66 12.05 -9.89
C SER A 191 2.13 11.68 -9.73
N MET A 192 2.76 11.23 -10.81
CA MET A 192 4.19 10.95 -10.80
C MET A 192 5.01 12.23 -10.59
N ASP A 193 4.38 13.43 -10.83
CA ASP A 193 5.02 14.72 -10.59
C ASP A 193 5.18 15.01 -9.10
N LEU A 194 4.57 14.18 -8.22
CA LEU A 194 4.70 14.30 -6.77
C LEU A 194 5.76 13.33 -6.23
N VAL A 195 6.31 12.47 -7.08
CA VAL A 195 7.26 11.45 -6.67
C VAL A 195 8.69 11.95 -6.85
N ALA A 196 9.46 12.05 -5.75
CA ALA A 196 10.86 12.55 -5.84
C ALA A 196 11.74 11.71 -6.75
N LEU A 197 12.53 12.38 -7.61
CA LEU A 197 13.35 11.70 -8.58
C LEU A 197 14.59 11.02 -7.99
N ALA A 198 15.45 11.79 -7.31
CA ALA A 198 16.69 11.22 -6.74
C ALA A 198 16.46 9.99 -5.82
N PRO A 199 15.48 10.01 -4.90
CA PRO A 199 15.30 8.84 -4.02
C PRO A 199 14.62 7.65 -4.69
N PHE A 200 14.01 7.84 -5.85
CA PHE A 200 13.16 6.82 -6.50
C PHE A 200 13.78 5.43 -6.64
N GLY A 201 15.05 5.39 -7.04
CA GLY A 201 15.82 4.17 -7.20
C GLY A 201 16.19 3.40 -5.95
N GLU A 202 15.98 4.00 -4.77
CA GLU A 202 16.33 3.32 -3.51
C GLU A 202 15.36 2.15 -3.26
N TYR A 203 14.12 2.25 -3.77
CA TYR A 203 13.15 1.15 -3.58
C TYR A 203 13.70 -0.11 -4.25
N THR A 204 13.75 -1.24 -3.51
CA THR A 204 14.35 -2.49 -3.96
C THR A 204 13.29 -3.42 -4.44
N VAL A 205 13.49 -3.91 -5.66
CA VAL A 205 12.64 -4.89 -6.31
C VAL A 205 13.39 -6.21 -6.15
N LEU A 206 12.78 -7.19 -5.46
CA LEU A 206 13.42 -8.51 -5.33
C LEU A 206 13.05 -9.35 -6.56
N PRO A 207 13.84 -10.38 -6.92
CA PRO A 207 13.45 -11.19 -8.10
C PRO A 207 12.19 -11.99 -7.89
N GLY A 208 11.61 -12.51 -8.97
CA GLY A 208 10.43 -13.34 -8.93
C GLY A 208 9.21 -12.75 -9.61
N LEU A 209 8.37 -13.61 -10.19
CA LEU A 209 7.14 -13.16 -10.84
C LEU A 209 6.08 -13.01 -9.77
N ASP A 210 5.64 -11.76 -9.51
CA ASP A 210 4.65 -11.49 -8.47
C ASP A 210 3.49 -12.48 -8.52
N CYS A 211 3.09 -12.96 -7.35
CA CYS A 211 2.06 -13.99 -7.24
C CYS A 211 1.08 -13.66 -6.17
N ILE A 212 -0.06 -14.35 -6.18
CA ILE A 212 -1.08 -14.18 -5.17
C ILE A 212 -0.95 -15.35 -4.18
N LEU A 213 -1.69 -15.28 -3.07
CA LEU A 213 -1.92 -16.36 -2.08
C LEU A 213 -3.39 -16.72 -2.37
N ALA A 214 -3.64 -17.83 -3.08
CA ALA A 214 -4.97 -18.22 -3.59
C ALA A 214 -6.14 -18.24 -2.55
N GLY A 215 -5.85 -18.63 -1.32
CA GLY A 215 -6.84 -18.66 -0.24
C GLY A 215 -7.03 -17.34 0.50
N GLY A 216 -6.21 -16.34 0.15
CA GLY A 216 -6.24 -15.03 0.77
C GLY A 216 -4.94 -14.64 1.42
N TYR A 217 -4.50 -13.43 1.15
CA TYR A 217 -3.32 -12.84 1.77
C TYR A 217 -3.55 -12.80 3.28
N GLN A 218 -4.82 -12.58 3.74
CA GLN A 218 -5.13 -12.57 5.18
C GLN A 218 -4.81 -13.88 5.91
N GLY A 219 -4.67 -14.99 5.17
CA GLY A 219 -4.23 -16.24 5.78
C GLY A 219 -2.87 -16.08 6.44
N LEU A 220 -2.01 -15.22 5.86
CA LEU A 220 -0.66 -14.96 6.40
C LEU A 220 -0.73 -14.31 7.77
N THR A 221 -1.46 -13.18 7.88
CA THR A 221 -1.56 -12.50 9.17
C THR A 221 -2.39 -13.29 10.19
N ASP A 222 -3.38 -14.06 9.74
CA ASP A 222 -4.16 -14.90 10.68
C ASP A 222 -3.22 -15.94 11.28
N ARG A 223 -2.28 -16.46 10.48
CA ARG A 223 -1.33 -17.49 11.01
C ARG A 223 -0.41 -16.90 12.09
N ILE A 224 0.13 -15.67 11.84
CA ILE A 224 1.00 -15.02 12.82
C ILE A 224 0.20 -14.73 14.07
N LEU A 225 -0.99 -14.13 13.92
CA LEU A 225 -1.88 -13.79 15.04
C LEU A 225 -2.14 -15.00 15.93
N ALA A 226 -2.49 -16.13 15.32
CA ALA A 226 -2.82 -17.33 16.09
C ALA A 226 -1.63 -17.92 16.87
N SER A 227 -0.37 -17.55 16.51
CA SER A 227 0.83 -18.03 17.20
C SER A 227 1.09 -17.26 18.51
N LEU A 228 0.46 -16.09 18.69
CA LEU A 228 0.60 -15.25 19.88
C LEU A 228 -0.09 -15.89 21.08
N PRO A 229 0.34 -15.57 22.33
CA PRO A 229 -0.36 -16.12 23.51
C PRO A 229 -1.83 -15.66 23.52
N LYS A 230 -2.71 -16.46 24.13
CA LYS A 230 -4.13 -16.10 24.22
C LYS A 230 -4.34 -14.70 24.82
N ASP A 231 -5.36 -13.97 24.29
CA ASP A 231 -5.74 -12.62 24.71
C ASP A 231 -4.63 -11.55 24.47
N THR A 232 -3.65 -11.82 23.57
CA THR A 232 -2.61 -10.80 23.29
C THR A 232 -3.22 -9.57 22.60
N VAL A 233 -4.11 -9.82 21.61
CA VAL A 233 -4.67 -8.74 20.83
C VAL A 233 -6.05 -8.29 21.32
N ALA A 234 -6.17 -7.00 21.60
CA ALA A 234 -7.46 -6.43 21.96
C ALA A 234 -8.01 -5.69 20.73
N PHE A 235 -9.14 -6.15 20.18
CA PHE A 235 -9.75 -5.48 19.04
C PHE A 235 -10.72 -4.41 19.51
N ASP A 236 -11.14 -3.51 18.59
CA ASP A 236 -12.04 -2.39 18.89
C ASP A 236 -11.49 -1.57 20.07
N LYS A 237 -10.14 -1.45 20.12
CA LYS A 237 -9.44 -0.75 21.23
C LYS A 237 -8.51 0.34 20.64
N PRO A 238 -9.03 1.34 19.89
CA PRO A 238 -8.16 2.38 19.36
C PRO A 238 -7.52 3.22 20.44
N VAL A 239 -6.26 3.59 20.18
CA VAL A 239 -5.48 4.49 21.04
C VAL A 239 -5.79 5.90 20.62
N LYS A 240 -6.02 6.78 21.62
CA LYS A 240 -6.27 8.20 21.36
C LYS A 240 -4.94 8.98 21.47
N THR A 241 -4.20 8.78 22.58
CA THR A 241 -2.93 9.50 22.84
C THR A 241 -1.92 8.65 23.59
N ILE A 242 -0.67 8.73 23.17
CA ILE A 242 0.46 8.08 23.84
C ILE A 242 1.12 9.20 24.62
N HIS A 243 1.04 9.11 25.97
CA HIS A 243 1.67 10.11 26.85
C HIS A 243 3.05 9.58 27.16
N TRP A 244 4.08 10.31 26.77
CA TRP A 244 5.45 9.84 26.99
C TRP A 244 6.29 10.89 27.74
N ASN A 245 7.55 10.55 28.07
CA ASN A 245 8.49 11.41 28.80
C ASN A 245 7.95 11.84 30.17
N GLY A 246 7.26 10.94 30.84
CA GLY A 246 6.69 11.16 32.17
C GLY A 246 7.08 10.08 33.16
N SER A 247 6.47 10.12 34.35
CA SER A 247 6.71 9.16 35.40
C SER A 247 5.34 8.88 35.98
N PHE A 248 4.65 7.87 35.40
CA PHE A 248 3.26 7.53 35.67
C PHE A 248 3.07 6.32 36.54
N GLN A 249 2.30 6.52 37.62
CA GLN A 249 1.97 5.48 38.57
C GLN A 249 0.91 4.57 38.00
N GLU A 250 1.06 3.28 38.26
CA GLU A 250 0.04 2.31 37.92
C GLU A 250 -0.98 2.38 39.06
N ALA A 251 -2.26 2.09 38.75
CA ALA A 251 -3.35 2.12 39.71
C ALA A 251 -3.18 1.13 40.87
N ALA A 252 -2.62 -0.06 40.59
CA ALA A 252 -2.42 -1.11 41.58
C ALA A 252 -1.03 -1.09 42.26
N PHE A 253 -0.86 -1.92 43.29
CA PHE A 253 0.41 -2.11 44.00
C PHE A 253 1.43 -2.79 43.05
N PRO A 254 2.74 -2.44 43.12
CA PRO A 254 3.38 -1.52 44.06
C PRO A 254 3.47 -0.07 43.59
N GLY A 255 2.44 0.44 42.91
CA GLY A 255 2.36 1.82 42.43
C GLY A 255 3.59 2.28 41.69
N GLU A 256 4.17 1.37 40.88
CA GLU A 256 5.36 1.55 40.04
C GLU A 256 5.17 2.68 39.08
N THR A 257 6.25 3.37 38.81
CA THR A 257 6.27 4.43 37.85
C THR A 257 6.68 3.84 36.52
N PHE A 258 6.02 4.30 35.48
CA PHE A 258 6.23 3.89 34.10
C PHE A 258 6.48 5.13 33.30
N PRO A 259 7.32 5.05 32.24
CA PRO A 259 7.58 6.26 31.44
C PRO A 259 6.45 6.68 30.50
N VAL A 260 5.58 5.71 30.12
CA VAL A 260 4.53 5.93 29.13
C VAL A 260 3.17 5.54 29.69
N LEU A 261 2.15 6.26 29.24
CA LEU A 261 0.76 5.99 29.58
C LEU A 261 -0.01 6.03 28.26
N VAL A 262 -0.56 4.90 27.86
CA VAL A 262 -1.37 4.82 26.65
C VAL A 262 -2.86 5.08 27.02
N GLU A 263 -3.41 6.15 26.46
CA GLU A 263 -4.79 6.56 26.69
C GLU A 263 -5.61 6.10 25.49
N CYS A 264 -6.52 5.18 25.74
CA CYS A 264 -7.40 4.67 24.69
C CYS A 264 -8.62 5.56 24.48
N GLU A 265 -9.23 5.49 23.27
CA GLU A 265 -10.47 6.27 23.00
C GLU A 265 -11.58 5.93 24.02
N ASP A 266 -11.68 4.66 24.45
CA ASP A 266 -12.70 4.19 25.40
C ASP A 266 -12.43 4.64 26.88
N GLY A 267 -11.31 5.32 27.11
CA GLY A 267 -10.90 5.83 28.42
C GLY A 267 -9.86 5.02 29.18
N ALA A 268 -9.48 3.84 28.63
CA ALA A 268 -8.48 2.97 29.26
C ALA A 268 -7.17 3.70 29.45
N ARG A 269 -6.54 3.49 30.62
CA ARG A 269 -5.29 4.11 31.05
C ARG A 269 -4.27 2.99 31.18
N LEU A 270 -3.40 2.83 30.18
CA LEU A 270 -2.47 1.70 30.17
C LEU A 270 -1.01 2.09 30.32
N PRO A 271 -0.43 1.91 31.51
CA PRO A 271 1.01 2.22 31.69
C PRO A 271 1.86 1.20 30.94
N ALA A 272 3.01 1.65 30.42
CA ALA A 272 3.92 0.75 29.68
C ALA A 272 5.33 1.28 29.77
N HIS A 273 6.29 0.37 29.57
CA HIS A 273 7.72 0.76 29.52
C HIS A 273 8.06 1.09 28.08
N HIS A 274 7.35 0.44 27.11
CA HIS A 274 7.67 0.66 25.68
C HIS A 274 6.41 0.53 24.84
N VAL A 275 6.24 1.42 23.90
CA VAL A 275 5.08 1.34 23.00
C VAL A 275 5.61 1.26 21.58
N ILE A 276 5.26 0.17 20.85
CA ILE A 276 5.64 0.06 19.43
C ILE A 276 4.45 0.57 18.58
N VAL A 277 4.61 1.76 17.97
CA VAL A 277 3.58 2.36 17.15
C VAL A 277 3.72 1.78 15.74
N THR A 278 2.62 1.22 15.17
CA THR A 278 2.69 0.67 13.80
C THR A 278 1.54 1.23 12.94
N VAL A 279 0.88 2.29 13.43
CA VAL A 279 -0.23 2.92 12.74
C VAL A 279 0.21 3.48 11.36
N PRO A 280 -0.72 3.53 10.38
CA PRO A 280 -0.34 3.99 9.04
C PRO A 280 0.06 5.46 9.03
N LEU A 281 0.87 5.81 8.04
CA LEU A 281 1.31 7.19 7.87
C LEU A 281 0.12 8.15 7.68
N GLY A 282 -0.93 7.73 6.99
CA GLY A 282 -2.12 8.58 6.80
C GLY A 282 -2.78 8.95 8.12
N PHE A 283 -2.80 8.02 9.07
CA PHE A 283 -3.32 8.27 10.40
C PHE A 283 -2.44 9.29 11.12
N LEU A 284 -1.10 9.12 11.02
CA LEU A 284 -0.14 10.04 11.64
C LEU A 284 -0.26 11.44 11.07
N LYS A 285 -0.42 11.56 9.73
CA LYS A 285 -0.58 12.87 9.06
C LYS A 285 -1.79 13.62 9.63
N GLU A 286 -2.89 12.90 9.89
CA GLU A 286 -4.13 13.51 10.39
C GLU A 286 -4.09 13.85 11.87
N HIS A 287 -3.46 12.99 12.68
CA HIS A 287 -3.55 13.09 14.13
C HIS A 287 -2.27 13.16 14.95
N GLN A 288 -1.07 13.25 14.35
CA GLN A 288 0.18 13.27 15.13
C GLN A 288 0.21 14.33 16.26
N ASP A 289 -0.50 15.45 16.06
CA ASP A 289 -0.57 16.56 17.02
C ASP A 289 -1.31 16.19 18.31
N THR A 290 -2.29 15.29 18.21
CA THR A 290 -3.03 14.86 19.42
C THR A 290 -2.62 13.44 19.83
N PHE A 291 -2.05 12.65 18.89
CA PHE A 291 -1.71 11.24 19.14
C PHE A 291 -0.52 11.08 20.07
N PHE A 292 0.34 12.12 20.14
CA PHE A 292 1.50 12.09 21.00
C PHE A 292 1.45 13.30 21.93
N GLU A 293 1.77 13.09 23.22
CA GLU A 293 1.80 14.14 24.26
C GLU A 293 3.04 13.85 25.13
N PRO A 294 4.11 14.67 25.13
CA PRO A 294 4.30 15.92 24.38
C PRO A 294 4.36 15.73 22.86
N PRO A 295 4.30 16.83 22.06
CA PRO A 295 4.34 16.65 20.59
C PRO A 295 5.60 15.94 20.17
N LEU A 296 5.54 15.19 19.07
CA LEU A 296 6.72 14.48 18.60
C LEU A 296 7.82 15.51 18.37
N PRO A 297 9.10 15.15 18.48
CA PRO A 297 10.15 16.11 18.10
C PRO A 297 9.93 16.59 16.66
N ALA A 298 10.25 17.88 16.38
CA ALA A 298 10.07 18.48 15.06
C ALA A 298 10.59 17.65 13.87
N LYS A 299 11.78 17.01 14.03
CA LYS A 299 12.46 16.23 12.99
C LYS A 299 11.53 15.11 12.47
N LYS A 300 10.88 14.44 13.41
CA LYS A 300 9.96 13.32 13.14
C LYS A 300 8.60 13.84 12.62
N ALA A 301 8.09 14.91 13.23
CA ALA A 301 6.84 15.55 12.81
C ALA A 301 6.93 16.00 11.35
N GLU A 302 8.10 16.57 10.97
CA GLU A 302 8.35 17.04 9.61
C GLU A 302 8.46 15.87 8.61
N ALA A 303 9.06 14.72 9.00
CA ALA A 303 9.13 13.54 8.10
C ALA A 303 7.69 13.05 7.82
N ILE A 304 6.80 13.04 8.83
CA ILE A 304 5.39 12.63 8.68
C ILE A 304 4.72 13.54 7.67
N LYS A 305 4.93 14.85 7.81
CA LYS A 305 4.33 15.81 6.92
C LYS A 305 4.83 15.72 5.46
N LYS A 306 6.18 15.61 5.29
CA LYS A 306 6.84 15.65 3.99
C LYS A 306 6.69 14.39 3.12
N LEU A 307 6.69 13.20 3.75
CA LEU A 307 6.54 11.97 2.96
C LEU A 307 5.20 11.90 2.24
N GLY A 308 5.11 11.07 1.20
CA GLY A 308 3.85 10.96 0.52
C GLY A 308 3.01 9.84 1.10
N PHE A 309 1.70 9.95 1.03
CA PHE A 309 0.79 8.86 1.44
C PHE A 309 -0.45 9.02 0.58
N GLY A 310 -0.48 8.25 -0.49
CA GLY A 310 -1.54 8.39 -1.49
C GLY A 310 -2.59 7.30 -1.44
N THR A 311 -3.61 7.45 -2.28
CA THR A 311 -4.72 6.53 -2.25
C THR A 311 -4.72 5.65 -3.50
N ASN A 312 -4.89 4.34 -3.31
CA ASN A 312 -5.07 3.44 -4.43
C ASN A 312 -6.23 2.52 -4.01
N ASN A 313 -7.27 2.44 -4.85
CA ASN A 313 -8.42 1.60 -4.51
C ASN A 313 -8.71 0.58 -5.58
N LYS A 314 -9.43 -0.47 -5.18
CA LYS A 314 -9.87 -1.54 -6.04
C LYS A 314 -11.39 -1.50 -6.12
N ILE A 315 -11.90 -1.77 -7.30
CA ILE A 315 -13.35 -1.83 -7.56
C ILE A 315 -13.66 -3.18 -8.16
N PHE A 316 -14.23 -4.08 -7.36
CA PHE A 316 -14.59 -5.39 -7.87
C PHE A 316 -16.02 -5.32 -8.44
N LEU A 317 -16.17 -5.82 -9.65
CA LEU A 317 -17.45 -5.88 -10.35
C LEU A 317 -17.78 -7.34 -10.70
N GLU A 318 -18.97 -7.81 -10.26
CA GLU A 318 -19.44 -9.17 -10.56
C GLU A 318 -20.37 -9.12 -11.75
N PHE A 319 -20.17 -10.03 -12.70
CA PHE A 319 -20.99 -10.14 -13.90
C PHE A 319 -21.66 -11.49 -13.91
N GLU A 320 -22.91 -11.58 -14.41
CA GLU A 320 -23.60 -12.88 -14.48
C GLU A 320 -22.87 -13.79 -15.45
N GLU A 321 -22.46 -13.23 -16.60
CA GLU A 321 -21.68 -13.93 -17.61
C GLU A 321 -20.40 -13.17 -17.95
N PRO A 322 -19.27 -13.85 -18.28
CA PRO A 322 -18.10 -13.08 -18.70
C PRO A 322 -18.31 -12.55 -20.12
N PHE A 323 -17.91 -11.32 -20.40
CA PHE A 323 -18.01 -10.76 -21.75
C PHE A 323 -16.64 -10.72 -22.39
N TRP A 324 -15.58 -11.02 -21.58
CA TRP A 324 -14.20 -11.01 -22.03
C TRP A 324 -13.77 -12.43 -22.44
N GLU A 325 -12.62 -12.56 -23.13
CA GLU A 325 -12.09 -13.86 -23.54
C GLU A 325 -11.64 -14.66 -22.31
N PRO A 326 -11.86 -16.00 -22.26
CA PRO A 326 -11.44 -16.75 -21.07
C PRO A 326 -9.95 -16.65 -20.71
N ASP A 327 -9.07 -16.43 -21.71
CA ASP A 327 -7.61 -16.32 -21.53
C ASP A 327 -7.16 -14.90 -21.18
N CYS A 328 -8.12 -13.98 -21.15
CA CYS A 328 -7.84 -12.58 -20.85
C CYS A 328 -7.66 -12.43 -19.34
N GLN A 329 -6.58 -11.76 -18.91
CA GLN A 329 -6.31 -11.53 -17.49
C GLN A 329 -6.43 -10.06 -17.08
N PHE A 330 -6.29 -9.15 -18.02
CA PHE A 330 -6.37 -7.71 -17.73
C PHE A 330 -6.99 -6.99 -18.91
N ILE A 331 -7.90 -6.08 -18.62
CA ILE A 331 -8.59 -5.30 -19.64
C ILE A 331 -8.01 -3.91 -19.43
N GLN A 332 -7.07 -3.50 -20.26
CA GLN A 332 -6.43 -2.19 -20.14
C GLN A 332 -7.24 -1.16 -20.91
N VAL A 333 -7.40 0.05 -20.33
CA VAL A 333 -8.18 1.11 -20.98
C VAL A 333 -7.29 2.26 -21.42
N VAL A 334 -7.47 2.75 -22.66
CA VAL A 334 -6.72 3.88 -23.20
C VAL A 334 -7.77 4.96 -23.45
N TRP A 335 -7.60 6.12 -22.82
CA TRP A 335 -8.54 7.22 -22.95
C TRP A 335 -8.11 8.13 -24.12
N GLU A 336 -8.91 8.16 -25.19
CA GLU A 336 -8.63 8.96 -26.40
C GLU A 336 -8.39 10.43 -26.08
N ASP A 337 -7.45 11.05 -26.79
CA ASP A 337 -7.09 12.47 -26.72
C ASP A 337 -6.61 12.95 -25.34
N THR A 338 -6.04 12.03 -24.53
CA THR A 338 -5.47 12.38 -23.24
C THR A 338 -3.98 12.42 -23.44
N SER A 339 -3.27 13.12 -22.58
CA SER A 339 -1.82 13.23 -22.69
C SER A 339 -1.22 13.55 -21.35
N PRO A 340 -0.05 12.94 -21.03
CA PRO A 340 0.61 13.28 -19.77
C PRO A 340 1.29 14.64 -19.81
N LEU A 341 1.58 15.16 -21.01
CA LEU A 341 2.29 16.43 -21.14
C LEU A 341 1.42 17.61 -20.70
N GLN A 342 0.10 17.46 -20.73
CA GLN A 342 -0.85 18.50 -20.31
C GLN A 342 -1.02 18.48 -18.79
N ASP A 343 -0.84 17.30 -18.16
CA ASP A 343 -1.07 17.09 -16.74
C ASP A 343 0.03 17.61 -15.82
N THR A 344 -0.38 18.08 -14.64
CA THR A 344 0.54 18.60 -13.63
C THR A 344 0.33 17.83 -12.33
N ALA A 345 1.15 18.11 -11.32
CA ALA A 345 1.11 17.44 -10.01
C ALA A 345 -0.24 17.41 -9.34
N LEU A 346 -1.03 18.47 -9.46
CA LEU A 346 -2.30 18.56 -8.74
C LEU A 346 -3.51 18.70 -9.67
N SER A 347 -3.33 18.44 -10.97
CA SER A 347 -4.41 18.49 -11.92
C SER A 347 -5.25 17.23 -11.86
N LEU A 348 -6.53 17.32 -12.28
CA LEU A 348 -7.45 16.18 -12.27
C LEU A 348 -7.77 15.79 -13.67
N GLN A 349 -8.18 14.53 -13.87
CA GLN A 349 -8.67 14.06 -15.16
C GLN A 349 -10.06 14.71 -15.39
N ASP A 350 -10.56 14.66 -16.65
CA ASP A 350 -11.86 15.23 -17.02
C ASP A 350 -13.00 14.68 -16.18
N THR A 351 -12.97 13.36 -15.88
CA THR A 351 -13.98 12.70 -15.04
C THR A 351 -13.15 11.80 -14.13
N TRP A 352 -13.70 11.43 -12.97
CA TRP A 352 -12.96 10.54 -12.05
C TRP A 352 -12.59 9.21 -12.72
N PHE A 353 -13.49 8.65 -13.57
CA PHE A 353 -13.24 7.33 -14.13
C PHE A 353 -12.16 7.28 -15.19
N LYS A 354 -11.70 8.43 -15.73
CA LYS A 354 -10.60 8.46 -16.69
C LYS A 354 -9.24 8.15 -16.01
N LYS A 355 -9.21 8.16 -14.66
CA LYS A 355 -7.98 7.82 -13.93
C LYS A 355 -7.88 6.29 -13.80
N LEU A 356 -9.00 5.57 -14.02
CA LEU A 356 -9.02 4.10 -13.90
C LEU A 356 -8.14 3.50 -14.99
N ILE A 357 -7.21 2.61 -14.61
CA ILE A 357 -6.26 2.04 -15.59
C ILE A 357 -6.86 0.90 -16.42
N GLY A 358 -7.85 0.23 -15.87
CA GLY A 358 -8.40 -0.98 -16.48
C GLY A 358 -8.76 -1.99 -15.42
N PHE A 359 -8.96 -3.24 -15.83
CA PHE A 359 -9.48 -4.24 -14.92
C PHE A 359 -8.74 -5.57 -14.95
N LEU A 360 -8.37 -6.11 -13.78
CA LEU A 360 -7.76 -7.43 -13.68
C LEU A 360 -8.91 -8.45 -13.61
N VAL A 361 -8.84 -9.53 -14.41
CA VAL A 361 -9.86 -10.60 -14.38
C VAL A 361 -9.46 -11.48 -13.20
N GLN A 362 -10.39 -11.71 -12.25
CA GLN A 362 -10.08 -12.55 -11.11
C GLN A 362 -9.98 -14.02 -11.54
N PRO A 363 -8.98 -14.80 -11.03
CA PRO A 363 -8.82 -16.18 -11.50
C PRO A 363 -9.60 -17.17 -10.66
N HIS A 369 -17.80 -14.53 -12.14
CA HIS A 369 -17.18 -13.76 -13.22
C HIS A 369 -16.88 -12.38 -12.67
N VAL A 370 -15.62 -12.16 -12.21
CA VAL A 370 -15.27 -10.94 -11.49
C VAL A 370 -14.14 -10.16 -12.14
N LEU A 371 -14.32 -8.82 -12.20
CA LEU A 371 -13.30 -7.87 -12.64
C LEU A 371 -12.87 -7.03 -11.47
N CYS A 372 -11.61 -6.57 -11.48
CA CYS A 372 -11.12 -5.70 -10.43
C CYS A 372 -10.45 -4.50 -11.10
N GLY A 373 -11.09 -3.33 -11.00
CA GLY A 373 -10.57 -2.07 -11.54
C GLY A 373 -9.62 -1.45 -10.53
N PHE A 374 -8.60 -0.73 -11.02
CA PHE A 374 -7.66 -0.05 -10.12
C PHE A 374 -7.68 1.43 -10.44
N ILE A 375 -7.63 2.27 -9.40
CA ILE A 375 -7.64 3.71 -9.58
C ILE A 375 -6.92 4.40 -8.42
N ALA A 376 -6.00 5.30 -8.74
CA ALA A 376 -5.21 5.98 -7.70
C ALA A 376 -5.38 7.49 -7.71
N GLY A 377 -5.12 8.10 -6.57
CA GLY A 377 -5.10 9.56 -6.47
C GLY A 377 -6.37 10.25 -6.08
N LEU A 378 -6.46 11.52 -6.44
CA LEU A 378 -7.63 12.32 -6.03
C LEU A 378 -8.91 11.85 -6.68
N GLU A 379 -8.82 11.29 -7.91
CA GLU A 379 -9.97 10.71 -8.59
C GLU A 379 -10.45 9.48 -7.84
N SER A 380 -9.51 8.74 -7.22
CA SER A 380 -9.82 7.57 -6.41
C SER A 380 -10.52 7.97 -5.10
N GLU A 381 -10.06 9.03 -4.47
CA GLU A 381 -10.68 9.56 -3.26
C GLU A 381 -12.10 10.02 -3.61
N PHE A 382 -12.27 10.66 -4.78
CA PHE A 382 -13.60 11.11 -5.23
C PHE A 382 -14.53 9.91 -5.41
N MET A 383 -14.02 8.84 -6.06
CA MET A 383 -14.77 7.58 -6.22
C MET A 383 -15.36 7.11 -4.89
N GLU A 384 -14.57 7.21 -3.80
CA GLU A 384 -15.02 6.75 -2.47
C GLU A 384 -16.24 7.50 -1.96
N THR A 385 -16.43 8.74 -2.41
CA THR A 385 -17.58 9.58 -1.97
C THR A 385 -18.87 9.17 -2.68
N LEU A 386 -18.76 8.44 -3.80
CA LEU A 386 -19.92 8.01 -4.57
C LEU A 386 -20.56 6.82 -3.92
N SER A 387 -21.86 6.60 -4.21
CA SER A 387 -22.53 5.41 -3.71
C SER A 387 -22.04 4.19 -4.52
N ASP A 388 -22.29 2.99 -3.99
CA ASP A 388 -22.02 1.72 -4.66
C ASP A 388 -22.76 1.71 -6.00
N GLU A 389 -24.03 2.19 -6.02
CA GLU A 389 -24.89 2.24 -7.19
C GLU A 389 -24.29 3.09 -8.31
N GLU A 390 -23.81 4.30 -7.97
CA GLU A 390 -23.19 5.22 -8.92
C GLU A 390 -21.94 4.57 -9.53
N VAL A 391 -21.11 3.93 -8.69
CA VAL A 391 -19.88 3.26 -9.19
C VAL A 391 -20.22 2.13 -10.16
N LEU A 392 -21.19 1.27 -9.78
CA LEU A 392 -21.58 0.14 -10.63
C LEU A 392 -22.11 0.64 -11.96
N LEU A 393 -23.07 1.58 -11.92
CA LEU A 393 -23.65 2.13 -13.16
C LEU A 393 -22.66 2.86 -14.04
N SER A 394 -21.79 3.69 -13.44
CA SER A 394 -20.80 4.45 -14.19
C SER A 394 -19.83 3.52 -14.88
N LEU A 395 -19.33 2.50 -14.13
CA LEU A 395 -18.37 1.58 -14.72
C LEU A 395 -19.02 0.66 -15.74
N THR A 396 -20.32 0.36 -15.60
CA THR A 396 -21.03 -0.41 -16.65
C THR A 396 -21.02 0.39 -17.97
N GLN A 397 -21.28 1.72 -17.91
CA GLN A 397 -21.29 2.59 -19.10
C GLN A 397 -19.90 2.73 -19.71
N VAL A 398 -18.84 2.85 -18.88
CA VAL A 398 -17.43 2.90 -19.30
C VAL A 398 -17.13 1.60 -20.09
N LEU A 399 -17.54 0.45 -19.55
CA LEU A 399 -17.29 -0.83 -20.19
C LEU A 399 -18.04 -0.96 -21.49
N ARG A 400 -19.28 -0.43 -21.54
CA ARG A 400 -20.07 -0.42 -22.78
C ARG A 400 -19.38 0.48 -23.80
N ARG A 401 -18.84 1.61 -23.35
CA ARG A 401 -18.14 2.56 -24.22
C ARG A 401 -16.83 1.98 -24.79
N VAL A 402 -15.94 1.50 -23.91
CA VAL A 402 -14.60 1.04 -24.31
C VAL A 402 -14.62 -0.27 -25.11
N THR A 403 -15.66 -1.12 -24.96
CA THR A 403 -15.74 -2.38 -25.74
C THR A 403 -16.58 -2.18 -26.99
N GLY A 404 -17.13 -0.98 -27.17
CA GLY A 404 -18.01 -0.63 -28.29
C GLY A 404 -19.25 -1.50 -28.34
N ASN A 405 -19.80 -1.85 -27.16
CA ASN A 405 -20.97 -2.72 -27.03
C ASN A 405 -22.06 -2.09 -26.13
N PRO A 406 -23.08 -1.43 -26.72
CA PRO A 406 -24.13 -0.80 -25.90
C PRO A 406 -25.07 -1.77 -25.19
N GLN A 407 -25.08 -3.05 -25.61
CA GLN A 407 -25.93 -4.10 -25.04
C GLN A 407 -25.26 -4.91 -23.94
N LEU A 408 -23.98 -4.57 -23.62
CA LEU A 408 -23.22 -5.25 -22.57
C LEU A 408 -24.07 -5.24 -21.30
N PRO A 409 -24.37 -6.42 -20.70
CA PRO A 409 -25.17 -6.43 -19.47
C PRO A 409 -24.47 -5.71 -18.32
N ALA A 410 -25.25 -5.07 -17.44
CA ALA A 410 -24.71 -4.33 -16.30
C ALA A 410 -24.15 -5.31 -15.29
N ALA A 411 -23.12 -4.86 -14.51
CA ALA A 411 -22.59 -5.68 -13.42
C ALA A 411 -23.74 -5.94 -12.43
N LYS A 412 -23.75 -7.11 -11.84
CA LYS A 412 -24.73 -7.56 -10.87
C LYS A 412 -24.44 -7.00 -9.46
N SER A 413 -23.15 -6.85 -9.10
CA SER A 413 -22.74 -6.44 -7.77
C SER A 413 -21.41 -5.68 -7.82
N VAL A 414 -21.15 -4.89 -6.78
CA VAL A 414 -19.91 -4.16 -6.63
C VAL A 414 -19.40 -4.30 -5.18
N ARG A 415 -18.08 -4.31 -5.04
CA ARG A 415 -17.46 -4.30 -3.72
C ARG A 415 -16.20 -3.47 -3.99
N ARG A 416 -16.06 -2.35 -3.31
CA ARG A 416 -14.89 -1.51 -3.57
C ARG A 416 -14.20 -1.17 -2.26
N SER A 417 -12.88 -0.93 -2.33
CA SER A 417 -12.17 -0.50 -1.14
C SER A 417 -12.41 1.02 -0.99
N GLN A 418 -12.22 1.54 0.22
CA GLN A 418 -12.33 2.98 0.49
C GLN A 418 -11.20 3.33 1.45
N TRP A 419 -9.96 3.22 0.95
CA TRP A 419 -8.80 3.40 1.84
C TRP A 419 -8.62 4.84 2.38
N HIS A 420 -8.90 5.85 1.58
CA HIS A 420 -8.74 7.23 2.08
C HIS A 420 -9.73 7.54 3.20
N SER A 421 -10.96 7.02 3.07
CA SER A 421 -12.04 7.22 4.02
C SER A 421 -11.84 6.47 5.31
N ALA A 422 -11.04 5.37 5.30
CA ALA A 422 -10.82 4.52 6.47
C ALA A 422 -10.17 5.35 7.59
N PRO A 423 -10.92 5.67 8.68
CA PRO A 423 -10.36 6.56 9.71
C PRO A 423 -9.01 6.16 10.29
N TYR A 424 -8.72 4.86 10.33
CA TYR A 424 -7.48 4.41 10.96
C TYR A 424 -6.35 4.14 9.96
N THR A 425 -6.56 4.49 8.68
CA THR A 425 -5.55 4.34 7.63
C THR A 425 -5.35 5.62 6.85
N ARG A 426 -6.46 6.16 6.28
CA ARG A 426 -6.43 7.44 5.54
C ARG A 426 -5.48 7.45 4.32
N GLY A 427 -5.59 6.38 3.53
CA GLY A 427 -4.85 6.21 2.31
C GLY A 427 -4.38 4.80 2.16
N SER A 428 -3.53 4.55 1.18
CA SER A 428 -3.11 3.19 0.86
C SER A 428 -1.67 2.90 1.24
N TYR A 429 -0.72 3.69 0.73
CA TYR A 429 0.68 3.45 1.11
C TYR A 429 1.55 4.68 0.86
N SER A 430 2.73 4.67 1.49
CA SER A 430 3.71 5.74 1.40
C SER A 430 4.54 5.74 0.11
N TYR A 431 5.10 6.91 -0.22
CA TYR A 431 6.05 7.08 -1.30
C TYR A 431 6.94 8.23 -0.90
N VAL A 432 8.13 8.29 -1.49
CA VAL A 432 9.02 9.38 -1.19
C VAL A 432 8.65 10.59 -2.08
N ALA A 433 7.84 11.50 -1.51
CA ALA A 433 7.31 12.63 -2.25
C ALA A 433 8.36 13.70 -2.54
N VAL A 434 8.13 14.53 -3.57
CA VAL A 434 9.00 15.69 -3.82
C VAL A 434 9.01 16.49 -2.48
N GLY A 435 10.20 16.83 -2.00
CA GLY A 435 10.33 17.54 -0.72
C GLY A 435 10.82 16.63 0.39
N SER A 436 10.75 15.31 0.15
CA SER A 436 11.21 14.30 1.12
C SER A 436 12.26 13.41 0.44
N THR A 437 13.04 12.63 1.26
CA THR A 437 14.06 11.74 0.74
C THR A 437 13.98 10.44 1.52
N GLY A 438 14.85 9.47 1.18
CA GLY A 438 14.96 8.22 1.92
C GLY A 438 15.35 8.45 3.37
N ASP A 439 16.06 9.58 3.67
CA ASP A 439 16.40 9.94 5.05
C ASP A 439 15.14 10.14 5.91
N ASP A 440 14.02 10.58 5.30
CA ASP A 440 12.76 10.76 6.02
C ASP A 440 12.15 9.42 6.48
N LEU A 441 12.34 8.35 5.69
CA LEU A 441 11.90 6.99 6.06
C LEU A 441 12.72 6.52 7.26
N ASP A 442 14.02 6.92 7.31
CA ASP A 442 14.87 6.62 8.47
C ASP A 442 14.44 7.41 9.71
N LEU A 443 14.01 8.68 9.52
CA LEU A 443 13.47 9.48 10.62
C LEU A 443 12.20 8.86 11.14
N MET A 444 11.35 8.30 10.25
CA MET A 444 10.12 7.64 10.70
C MET A 444 10.46 6.47 11.61
N ALA A 445 11.55 5.74 11.30
CA ALA A 445 11.96 4.57 12.10
C ALA A 445 12.67 4.93 13.41
N GLN A 446 13.15 6.15 13.51
CA GLN A 446 13.94 6.51 14.68
C GLN A 446 13.15 6.48 16.01
N PRO A 447 13.63 5.76 17.03
CA PRO A 447 12.86 5.68 18.28
C PRO A 447 12.92 6.97 19.09
N LEU A 448 11.99 7.06 20.05
CA LEU A 448 12.04 8.19 20.96
C LEU A 448 13.05 7.84 22.08
N PRO A 449 13.52 8.85 22.85
CA PRO A 449 14.50 8.57 23.90
C PRO A 449 14.11 7.46 24.85
N GLY A 450 15.10 6.64 25.21
CA GLY A 450 14.95 5.49 26.09
C GLY A 450 14.13 4.37 25.51
N LEU A 451 13.86 4.42 24.18
CA LEU A 451 13.01 3.46 23.48
C LEU A 451 11.60 3.45 24.15
N GLN A 452 11.14 4.61 24.62
CA GLN A 452 9.80 4.72 25.24
C GLN A 452 8.77 4.47 24.16
N VAL A 453 9.05 4.98 22.97
CA VAL A 453 8.16 4.84 21.82
C VAL A 453 9.05 4.40 20.67
N LEU A 454 8.63 3.33 20.02
CA LEU A 454 9.30 2.78 18.83
C LEU A 454 8.33 2.84 17.66
N PHE A 455 8.86 2.85 16.42
CA PHE A 455 8.04 2.98 15.22
C PHE A 455 8.34 1.87 14.22
N ALA A 456 7.28 1.20 13.76
CA ALA A 456 7.36 0.18 12.72
C ALA A 456 6.19 0.45 11.75
N GLY A 457 6.17 -0.29 10.65
CA GLY A 457 5.16 -0.06 9.62
C GLY A 457 5.83 0.14 8.30
N GLU A 458 5.10 -0.07 7.20
CA GLU A 458 5.66 0.08 5.87
C GLU A 458 6.34 1.45 5.63
N ALA A 459 5.83 2.56 6.21
CA ALA A 459 6.43 3.89 6.01
C ALA A 459 7.64 4.16 6.90
N THR A 460 8.21 3.11 7.48
CA THR A 460 9.43 3.19 8.31
C THR A 460 10.60 2.39 7.67
N HIS A 461 10.35 1.81 6.48
CA HIS A 461 11.34 1.02 5.81
C HIS A 461 11.85 1.75 4.58
N ARG A 462 13.17 2.04 4.54
CA ARG A 462 13.73 2.87 3.47
C ARG A 462 13.71 2.26 2.07
N THR A 463 13.77 0.94 1.96
CA THR A 463 13.90 0.34 0.63
C THR A 463 12.73 -0.58 0.28
N PHE A 464 11.89 -0.97 1.28
CA PHE A 464 10.72 -1.82 1.04
C PHE A 464 9.43 -1.18 1.55
N TYR A 465 9.42 0.15 1.64
CA TYR A 465 8.19 0.85 1.95
C TYR A 465 7.13 0.46 0.89
N SER A 466 5.84 0.61 1.27
CA SER A 466 4.65 0.32 0.45
C SER A 466 4.45 -1.19 0.16
N THR A 467 5.06 -2.07 0.98
CA THR A 467 4.87 -3.52 0.78
C THR A 467 4.57 -4.23 2.07
N THR A 468 4.12 -5.46 1.96
CA THR A 468 3.85 -6.27 3.15
C THR A 468 5.20 -6.69 3.78
N HIS A 469 6.18 -7.04 2.92
CA HIS A 469 7.48 -7.46 3.46
C HIS A 469 8.23 -6.35 4.15
N GLY A 470 8.14 -5.14 3.62
CA GLY A 470 8.74 -3.99 4.30
C GLY A 470 8.15 -3.81 5.71
N ALA A 471 6.81 -3.88 5.81
CA ALA A 471 6.12 -3.76 7.09
C ALA A 471 6.54 -4.89 8.09
N LEU A 472 6.59 -6.13 7.60
CA LEU A 472 7.01 -7.24 8.44
C LEU A 472 8.42 -7.03 8.95
N LEU A 473 9.36 -6.74 8.05
CA LEU A 473 10.75 -6.55 8.46
C LEU A 473 10.87 -5.42 9.50
N SER A 474 10.09 -4.35 9.34
CA SER A 474 10.16 -3.24 10.29
C SER A 474 9.71 -3.68 11.71
N GLY A 475 8.72 -4.59 11.78
CA GLY A 475 8.26 -5.13 13.06
C GLY A 475 9.35 -5.91 13.74
N TRP A 476 10.00 -6.80 12.97
CA TRP A 476 11.11 -7.58 13.50
C TRP A 476 12.25 -6.67 13.97
N ARG A 477 12.53 -5.59 13.20
CA ARG A 477 13.58 -4.61 13.55
C ARG A 477 13.31 -3.98 14.92
N GLU A 478 12.04 -3.62 15.19
CA GLU A 478 11.74 -3.02 16.51
C GLU A 478 11.78 -4.03 17.65
N ALA A 479 11.38 -5.29 17.38
CA ALA A 479 11.48 -6.34 18.39
C ALA A 479 12.97 -6.53 18.78
N ASP A 480 13.85 -6.55 17.77
CA ASP A 480 15.28 -6.75 17.96
C ASP A 480 15.91 -5.61 18.72
N ARG A 481 15.48 -4.36 18.40
CA ARG A 481 15.97 -3.17 19.11
C ARG A 481 15.63 -3.30 20.61
N LEU A 482 14.41 -3.77 20.93
CA LEU A 482 14.01 -3.87 22.35
C LEU A 482 14.74 -4.96 23.06
N VAL A 483 14.88 -6.14 22.41
CA VAL A 483 15.59 -7.27 22.99
C VAL A 483 17.02 -6.86 23.31
N SER A 484 17.64 -6.06 22.42
CA SER A 484 19.01 -5.59 22.71
C SER A 484 19.07 -4.69 23.93
N LEU A 485 18.05 -3.83 24.13
CA LEU A 485 18.02 -3.01 25.33
C LEU A 485 17.86 -3.88 26.57
N TRP A 486 16.89 -4.81 26.54
CA TRP A 486 16.69 -5.67 27.71
C TRP A 486 17.92 -6.48 28.07
N ASP A 487 18.59 -7.03 27.08
CA ASP A 487 19.81 -7.80 27.27
C ASP A 487 20.91 -6.93 27.89
N SER A 488 20.91 -5.61 27.59
CA SER A 488 21.92 -4.68 28.09
C SER A 488 21.66 -4.30 29.57
N GLN A 489 20.40 -4.43 30.01
CA GLN A 489 19.98 -4.10 31.38
C GLN A 489 20.48 -5.22 32.30
N VAL A 490 20.42 -6.50 31.83
CA VAL A 490 20.86 -7.70 32.55
C VAL A 490 22.37 -7.61 32.81
N GLU A 491 23.14 -7.33 31.73
CA GLU A 491 24.60 -7.19 31.73
C GLU A 491 25.07 -6.04 32.64
N GLN A 492 24.31 -4.94 32.71
CA GLN A 492 24.67 -3.82 33.60
C GLN A 492 24.24 -4.12 35.05
PA FAD B . -1.34 -1.76 8.56
O1A FAD B . -2.18 -0.65 8.04
O2A FAD B . -1.55 -3.06 7.86
O5B FAD B . -1.53 -1.95 10.14
C5B FAD B . -1.67 -0.78 10.97
C4B FAD B . -2.77 -1.07 11.96
O4B FAD B . -2.89 0.07 12.84
C3B FAD B . -4.16 -1.29 11.35
O3B FAD B . -4.68 -2.59 11.68
C2B FAD B . -4.99 -0.12 11.90
O2B FAD B . -6.37 -0.38 12.10
C1B FAD B . -4.26 0.15 13.20
N9A FAD B . -4.48 1.44 13.83
C8A FAD B . -4.50 2.67 13.23
N7A FAD B . -4.67 3.67 14.06
C5A FAD B . -4.78 3.06 15.29
C6A FAD B . -5.00 3.56 16.59
N6A FAD B . -5.18 4.86 16.85
N1A FAD B . -5.04 2.67 17.61
C2A FAD B . -4.89 1.37 17.36
N3A FAD B . -4.70 0.78 16.16
C4A FAD B . -4.66 1.69 15.17
N1 FAD B . 1.79 -4.57 -0.48
C2 FAD B . 2.28 -5.69 -1.08
O2 FAD B . 3.33 -6.24 -0.68
N3 FAD B . 1.61 -6.22 -2.18
C4 FAD B . 0.48 -5.67 -2.79
O4 FAD B . -0.09 -6.28 -3.70
C4X FAD B . 0.02 -4.45 -2.19
N5 FAD B . -1.05 -3.87 -2.71
C5X FAD B . -1.71 -2.94 -1.94
C6 FAD B . -2.96 -2.47 -2.36
C7 FAD B . -3.74 -1.65 -1.55
C7M FAD B . -5.07 -1.15 -2.06
C8 FAD B . -3.27 -1.32 -0.26
C8M FAD B . -4.13 -0.56 0.73
C9 FAD B . -2.01 -1.75 0.14
C9A FAD B . -1.21 -2.53 -0.69
N10 FAD B . 0.08 -3.01 -0.30
C10 FAD B . 0.68 -4.01 -1.00
C1' FAD B . 0.79 -2.42 0.84
C2' FAD B . 0.68 -3.27 2.09
O2' FAD B . -0.66 -3.73 2.26
C3' FAD B . 1.12 -2.50 3.35
O3' FAD B . 2.39 -1.88 3.09
C4' FAD B . 1.22 -3.29 4.65
O4' FAD B . 0.15 -4.23 4.76
C5' FAD B . 1.16 -2.33 5.81
O5' FAD B . 1.36 -3.08 7.02
P FAD B . 1.50 -2.21 8.34
O1P FAD B . 1.50 -3.19 9.46
O2P FAD B . 2.64 -1.24 8.20
O3P FAD B . 0.18 -1.32 8.40
CAB SP5 C . -2.27 -2.35 -10.61
CAC SP5 C . -1.87 -1.97 -9.22
OAA SP5 C . -2.64 -1.34 -8.51
NAD SP5 C . -0.62 -2.28 -8.80
CAE SP5 C . -0.17 -1.93 -7.45
CAF SP5 C . 0.40 -3.21 -6.83
CAG SP5 C . 0.51 -3.07 -5.32
NAH SP5 C . 1.47 -2.02 -5.00
CAI SP5 C . 2.00 -2.10 -3.63
CAJ SP5 C . 3.52 -1.98 -3.70
CAK SP5 C . 3.81 -0.64 -4.34
CAL SP5 C . 5.26 -0.47 -4.79
NAM SP5 C . 5.53 0.94 -4.53
CAN SP5 C . 6.93 1.40 -4.66
CAO SP5 C . 7.20 1.56 -6.17
CAP SP5 C . 8.36 2.51 -6.42
NAQ SP5 C . 8.66 2.38 -7.86
C1 GOL D . -11.97 8.34 33.35
O1 GOL D . -13.22 7.64 33.35
C2 GOL D . -10.86 7.43 32.88
O2 GOL D . -11.07 7.11 31.50
C3 GOL D . -9.51 8.07 33.07
O3 GOL D . -8.46 7.09 32.96
#